data_8SXP
#
_entry.id   8SXP
#
_cell.length_a   135.860
_cell.length_b   42.443
_cell.length_c   103.356
_cell.angle_alpha   90.00
_cell.angle_beta   103.70
_cell.angle_gamma   90.00
#
_symmetry.space_group_name_H-M   'C 1 2 1'
#
loop_
_entity.id
_entity.type
_entity.pdbx_description
1 polymer '95Mat5 Fab light chain'
2 polymer 'Long neurotoxin 2'
3 polymer '95Mat5 Fab heavy chain'
4 water water
#
loop_
_entity_poly.entity_id
_entity_poly.type
_entity_poly.pdbx_seq_one_letter_code
_entity_poly.pdbx_strand_id
1 'polypeptide(L)'
;DIQMTQSPSSLSASVGDRVTITCRASQSISSYLNWYQQKPGKAPKLLIYDASSLQSGVPSRFSGSGSGTDFTLTISSLQP
EDFATYYCQQSYSTPYTFGQGTKLEIKRTVAAPSVFIFPPSDEQLKSGTASVVCLLNNFYPREAKVQWKVDNALQSGNSQ
ESVTEQDSKDSTYSLSSTLTLSKADYEKHKVYACEVTHQGLSSPVTKSFNRG
;
L
2 'polypeptide(L)' TKCYVTPDATSQTCPDGQDICYTKTWCDGFCSSRGKRIDLGCAATCPKVKPGVDIKCCSTDNCNPFPT C
3 'polypeptide(L)'
;EVQLVQSGAEVKKPGSSVKVSCKASGGTFSSYAISWVRQAPGQGLEWMGGYIPIFGTANYAQKFQGRVTITADESTSTAY
MELSSLRSEDTAVYYCARIPLRWYESGPYESGVFDYWGQGTLVTVSSASTKGPSVFPLAPSSKSTSGGTAALGCLVKDYF
PEPVTVSWNSGALTSGVHTFPAVLQSSGLYSLSSVVTVPSSSLGTQTYICNVNHKPSNTKVDKKVEPK
;
H
#
# COMPACT_ATOMS: atom_id res chain seq x y z
N ASP A 1 -2.44 -7.00 -22.51
CA ASP A 1 -1.20 -6.86 -21.71
C ASP A 1 -0.97 -8.18 -20.97
N ILE A 2 0.27 -8.50 -20.61
CA ILE A 2 0.54 -9.81 -19.95
C ILE A 2 -0.17 -9.79 -18.60
N GLN A 3 -1.05 -10.75 -18.36
CA GLN A 3 -1.88 -10.70 -17.13
C GLN A 3 -1.23 -11.61 -16.09
N MET A 4 -1.02 -11.09 -14.89
CA MET A 4 -0.30 -11.87 -13.86
C MET A 4 -1.21 -12.06 -12.67
N THR A 5 -1.40 -13.30 -12.20
CA THR A 5 -2.37 -13.62 -11.12
C THR A 5 -1.70 -14.32 -9.93
N GLN A 6 -1.48 -13.59 -8.84
CA GLN A 6 -0.93 -14.24 -7.62
C GLN A 6 -2.04 -15.08 -7.01
N SER A 7 -1.83 -16.37 -6.75
CA SER A 7 -2.97 -17.22 -6.30
C SER A 7 -3.28 -17.10 -4.80
N PRO A 8 -2.30 -17.01 -3.86
CA PRO A 8 -2.62 -17.01 -2.43
C PRO A 8 -3.07 -15.58 -2.12
N SER A 9 -4.33 -15.22 -2.41
CA SER A 9 -4.79 -13.82 -2.23
C SER A 9 -4.52 -13.48 -0.76
N SER A 10 -4.98 -14.32 0.18
CA SER A 10 -4.61 -14.11 1.60
C SER A 10 -4.03 -15.42 2.11
N LEU A 11 -3.01 -15.36 2.94
CA LEU A 11 -2.41 -16.60 3.52
C LEU A 11 -1.99 -16.35 4.96
N SER A 12 -2.79 -16.76 5.93
CA SER A 12 -2.45 -16.64 7.38
C SER A 12 -1.43 -17.72 7.76
N ALA A 13 -0.42 -17.36 8.54
CA ALA A 13 0.65 -18.32 8.94
C ALA A 13 1.41 -17.86 10.19
N SER A 14 1.94 -18.81 10.97
CA SER A 14 2.66 -18.47 12.21
C SER A 14 4.12 -18.12 11.92
N VAL A 15 4.76 -17.38 12.84
CA VAL A 15 6.17 -16.95 12.67
C VAL A 15 7.04 -18.20 12.56
N GLY A 16 6.64 -19.27 13.22
CA GLY A 16 7.37 -20.53 13.05
C GLY A 16 6.82 -21.30 11.86
N ASP A 17 6.82 -20.68 10.69
CA ASP A 17 6.29 -21.36 9.48
C ASP A 17 7.11 -20.99 8.25
N ARG A 18 6.88 -21.67 7.13
CA ARG A 18 7.54 -21.33 5.84
C ARG A 18 6.42 -21.10 4.84
N VAL A 19 6.48 -20.03 4.07
CA VAL A 19 5.32 -19.70 3.19
C VAL A 19 5.78 -19.62 1.74
N THR A 20 4.93 -20.07 0.81
CA THR A 20 5.26 -19.96 -0.64
C THR A 20 4.10 -19.23 -1.31
N ILE A 21 4.39 -18.22 -2.14
CA ILE A 21 3.33 -17.38 -2.79
C ILE A 21 3.41 -17.64 -4.29
N THR A 22 2.29 -17.86 -4.95
CA THR A 22 2.29 -18.23 -6.39
C THR A 22 1.94 -17.04 -7.26
N CYS A 23 2.58 -16.87 -8.41
CA CYS A 23 2.20 -15.86 -9.42
C CYS A 23 2.18 -16.53 -10.79
N ARG A 24 1.09 -16.40 -11.53
CA ARG A 24 0.97 -17.05 -12.87
C ARG A 24 0.92 -15.98 -13.95
N ALA A 25 1.66 -16.18 -15.05
CA ALA A 25 1.70 -15.21 -16.15
C ALA A 25 0.83 -15.68 -17.32
N SER A 26 0.17 -14.76 -18.03
CA SER A 26 -0.64 -15.12 -19.21
C SER A 26 0.27 -15.49 -20.37
N GLN A 27 1.52 -15.03 -20.35
CA GLN A 27 2.43 -15.31 -21.48
C GLN A 27 3.72 -15.84 -20.87
N SER A 28 4.47 -16.66 -21.60
CA SER A 28 5.78 -17.12 -21.07
C SER A 28 6.68 -15.91 -20.93
N ILE A 29 6.95 -15.49 -19.69
CA ILE A 29 7.82 -14.30 -19.44
C ILE A 29 9.23 -14.78 -19.10
N SER A 30 9.46 -16.09 -19.11
CA SER A 30 10.84 -16.63 -18.87
C SER A 30 11.27 -16.18 -17.48
N SER A 31 12.54 -15.81 -17.33
CA SER A 31 13.09 -15.38 -16.02
C SER A 31 12.80 -13.92 -15.68
N TYR A 32 11.90 -13.26 -16.40
CA TYR A 32 11.61 -11.82 -16.20
C TYR A 32 10.42 -11.67 -15.25
N LEU A 33 10.59 -11.90 -13.95
CA LEU A 33 9.54 -11.66 -12.91
C LEU A 33 10.21 -11.14 -11.65
N ASN A 34 9.81 -9.97 -11.17
CA ASN A 34 10.40 -9.36 -9.96
C ASN A 34 9.42 -9.56 -8.81
N TRP A 35 9.89 -9.60 -7.57
CA TRP A 35 9.05 -9.82 -6.36
C TRP A 35 9.24 -8.61 -5.47
N TYR A 36 8.17 -8.10 -4.86
CA TYR A 36 8.23 -6.89 -4.02
C TYR A 36 7.45 -7.09 -2.73
N GLN A 37 7.63 -6.21 -1.76
CA GLN A 37 6.87 -6.25 -0.49
C GLN A 37 6.37 -4.85 -0.17
N GLN A 38 5.08 -4.72 0.11
CA GLN A 38 4.47 -3.41 0.47
C GLN A 38 3.83 -3.53 1.85
N LYS A 39 4.34 -2.78 2.82
CA LYS A 39 3.73 -2.78 4.17
C LYS A 39 2.76 -1.59 4.16
N PRO A 40 1.77 -1.49 5.09
CA PRO A 40 0.77 -0.44 5.00
C PRO A 40 1.34 0.97 5.12
N GLY A 41 0.97 1.84 4.20
CA GLY A 41 1.43 3.24 4.25
C GLY A 41 2.87 3.35 3.80
N LYS A 42 3.40 2.30 3.20
CA LYS A 42 4.83 2.33 2.79
C LYS A 42 4.94 1.92 1.31
N ALA A 43 5.92 2.45 0.60
CA ALA A 43 6.13 2.17 -0.83
C ALA A 43 6.62 0.75 -1.01
N PRO A 44 6.36 0.09 -2.15
CA PRO A 44 6.88 -1.25 -2.39
C PRO A 44 8.40 -1.34 -2.19
N LYS A 45 8.94 -2.52 -1.88
CA LYS A 45 10.40 -2.71 -1.79
C LYS A 45 10.76 -4.00 -2.53
N LEU A 46 11.74 -3.98 -3.42
CA LEU A 46 12.09 -5.16 -4.23
C LEU A 46 12.79 -6.22 -3.40
N LEU A 47 12.21 -7.41 -3.27
CA LEU A 47 12.82 -8.54 -2.56
C LEU A 47 13.67 -9.32 -3.56
N ILE A 48 13.06 -9.82 -4.63
CA ILE A 48 13.78 -10.68 -5.61
C ILE A 48 13.63 -10.13 -7.03
N TYR A 49 14.69 -10.20 -7.84
CA TYR A 49 14.62 -9.77 -9.25
C TYR A 49 15.09 -10.92 -10.15
N ASP A 50 14.83 -10.79 -11.45
CA ASP A 50 15.24 -11.83 -12.44
C ASP A 50 14.86 -13.21 -11.90
N ALA A 51 13.66 -13.33 -11.33
CA ALA A 51 13.11 -14.64 -10.88
C ALA A 51 13.77 -15.15 -9.60
N SER A 52 15.09 -15.26 -9.56
CA SER A 52 15.73 -15.86 -8.37
C SER A 52 16.72 -14.90 -7.71
N SER A 53 17.21 -13.93 -8.45
CA SER A 53 18.25 -13.04 -7.88
C SER A 53 17.69 -12.28 -6.69
N LEU A 54 18.50 -12.06 -5.65
CA LEU A 54 18.05 -11.37 -4.42
C LEU A 54 18.80 -10.05 -4.29
N GLN A 55 18.10 -8.96 -4.05
CA GLN A 55 18.79 -7.64 -4.03
C GLN A 55 19.67 -7.55 -2.79
N SER A 56 20.62 -6.63 -2.84
CA SER A 56 21.51 -6.43 -1.68
C SER A 56 20.68 -6.07 -0.45
N GLY A 57 20.96 -6.71 0.68
CA GLY A 57 20.27 -6.33 1.92
C GLY A 57 18.89 -6.92 2.03
N VAL A 58 18.59 -8.00 1.30
CA VAL A 58 17.26 -8.64 1.49
C VAL A 58 17.44 -9.92 2.32
N PRO A 59 16.69 -10.09 3.44
CA PRO A 59 16.79 -11.31 4.24
C PRO A 59 16.86 -12.56 3.37
N SER A 60 17.96 -13.31 3.48
CA SER A 60 18.11 -14.57 2.69
C SER A 60 16.84 -15.41 2.83
N ARG A 61 16.09 -15.22 3.93
CA ARG A 61 14.85 -15.98 4.16
C ARG A 61 14.09 -15.90 2.85
N PHE A 62 14.18 -14.75 2.19
CA PHE A 62 13.44 -14.54 0.92
C PHE A 62 14.15 -15.25 -0.23
N SER A 63 13.46 -16.23 -0.83
CA SER A 63 14.03 -16.98 -1.97
C SER A 63 12.96 -17.03 -3.06
N GLY A 64 13.36 -16.93 -4.32
CA GLY A 64 12.38 -16.89 -5.42
C GLY A 64 12.73 -17.89 -6.49
N SER A 65 11.72 -18.53 -7.08
CA SER A 65 12.03 -19.62 -8.03
C SER A 65 10.91 -19.80 -9.04
N GLY A 66 11.25 -20.02 -10.31
CA GLY A 66 10.26 -20.27 -11.36
C GLY A 66 10.70 -19.76 -12.71
N SER A 67 10.08 -20.21 -13.78
CA SER A 67 10.35 -19.71 -15.15
C SER A 67 9.11 -19.92 -16.01
N GLY A 68 9.02 -19.18 -17.13
CA GLY A 68 7.87 -19.31 -18.04
C GLY A 68 6.65 -18.55 -17.57
N THR A 69 5.69 -19.27 -17.02
CA THR A 69 4.43 -18.63 -16.57
C THR A 69 4.26 -18.82 -15.06
N ASP A 70 4.87 -19.86 -14.49
CA ASP A 70 4.65 -20.17 -13.05
C ASP A 70 5.88 -19.80 -12.22
N PHE A 71 5.69 -19.04 -11.13
CA PHE A 71 6.80 -18.59 -10.27
C PHE A 71 6.41 -18.71 -8.80
N THR A 72 7.39 -18.78 -7.91
CA THR A 72 7.11 -18.97 -6.47
C THR A 72 8.03 -18.12 -5.60
N LEU A 73 7.51 -17.58 -4.49
CA LEU A 73 8.34 -16.83 -3.53
C LEU A 73 8.38 -17.63 -2.23
N THR A 74 9.57 -17.98 -1.76
CA THR A 74 9.70 -18.74 -0.49
C THR A 74 10.22 -17.79 0.59
N ILE A 75 9.41 -17.55 1.62
CA ILE A 75 9.80 -16.58 2.69
C ILE A 75 10.62 -17.33 3.74
N SER A 76 10.59 -18.65 3.71
CA SER A 76 11.45 -19.43 4.63
C SER A 76 10.96 -19.02 6.04
N SER A 77 11.87 -18.66 6.93
CA SER A 77 11.47 -18.37 8.33
C SER A 77 10.68 -17.08 8.58
N LEU A 78 9.36 -17.17 8.55
CA LEU A 78 8.50 -15.99 8.82
C LEU A 78 9.00 -15.26 10.05
N GLN A 79 9.21 -13.95 9.98
CA GLN A 79 9.54 -13.11 11.14
C GLN A 79 8.45 -12.03 11.14
N PRO A 80 8.15 -11.35 12.26
CA PRO A 80 7.03 -10.43 12.25
C PRO A 80 7.23 -9.35 11.19
N GLU A 81 8.47 -9.03 10.88
CA GLU A 81 8.82 -7.99 9.89
C GLU A 81 8.41 -8.49 8.51
N ASP A 82 8.29 -9.80 8.33
CA ASP A 82 8.01 -10.34 7.00
C ASP A 82 6.52 -10.61 6.80
N PHE A 83 5.64 -9.89 7.49
CA PHE A 83 4.19 -10.05 7.26
C PHE A 83 3.62 -8.85 6.52
N ALA A 84 3.31 -8.99 5.22
CA ALA A 84 2.85 -7.83 4.43
C ALA A 84 2.27 -8.29 3.09
N THR A 85 1.83 -7.33 2.27
CA THR A 85 1.34 -7.68 0.92
C THR A 85 2.57 -7.85 0.01
N TYR A 86 2.66 -8.93 -0.75
CA TYR A 86 3.80 -9.21 -1.66
C TYR A 86 3.26 -9.16 -3.08
N TYR A 87 3.99 -8.57 -4.04
CA TYR A 87 3.50 -8.36 -5.42
C TYR A 87 4.47 -8.94 -6.44
N CYS A 88 3.96 -9.51 -7.53
CA CYS A 88 4.79 -10.08 -8.63
C CYS A 88 4.65 -9.21 -9.86
N GLN A 89 5.73 -8.64 -10.38
CA GLN A 89 5.66 -7.73 -11.54
C GLN A 89 6.62 -8.19 -12.63
N GLN A 90 6.08 -8.66 -13.75
CA GLN A 90 6.88 -9.09 -14.91
C GLN A 90 7.78 -7.96 -15.43
N SER A 91 8.82 -8.30 -16.18
CA SER A 91 9.73 -7.30 -16.77
C SER A 91 9.85 -7.63 -18.26
N TYR A 92 8.99 -8.52 -18.76
CA TYR A 92 9.06 -8.97 -20.17
C TYR A 92 8.48 -7.98 -21.17
N SER A 93 7.39 -7.30 -20.85
CA SER A 93 6.74 -6.44 -21.88
C SER A 93 6.73 -4.98 -21.45
N THR A 94 6.54 -4.07 -22.41
CA THR A 94 6.46 -2.62 -22.10
C THR A 94 5.35 -2.40 -21.09
N PRO A 95 4.09 -2.86 -21.29
CA PRO A 95 3.08 -2.69 -20.26
C PRO A 95 3.49 -3.53 -19.04
N TYR A 96 4.27 -2.95 -18.12
CA TYR A 96 4.70 -3.70 -16.90
C TYR A 96 3.46 -4.04 -16.09
N THR A 97 3.19 -5.31 -15.80
CA THR A 97 1.93 -5.69 -15.11
C THR A 97 2.26 -6.32 -13.76
N PHE A 98 1.42 -6.08 -12.76
CA PHE A 98 1.63 -6.55 -11.38
C PHE A 98 0.54 -7.54 -11.00
N GLY A 99 0.78 -8.38 -10.01
CA GLY A 99 -0.23 -9.31 -9.48
C GLY A 99 -1.11 -8.60 -8.48
N GLN A 100 -2.22 -9.21 -8.10
CA GLN A 100 -3.21 -8.55 -7.22
C GLN A 100 -2.62 -8.35 -5.83
N GLY A 101 -1.58 -9.10 -5.49
CA GLY A 101 -1.00 -9.00 -4.13
C GLY A 101 -1.52 -10.09 -3.21
N THR A 102 -0.67 -10.64 -2.34
CA THR A 102 -1.05 -11.67 -1.34
C THR A 102 -0.75 -11.16 0.07
N LYS A 103 -1.75 -11.09 0.95
CA LYS A 103 -1.57 -10.53 2.31
C LYS A 103 -1.21 -11.64 3.30
N LEU A 104 -0.06 -11.56 3.98
CA LEU A 104 0.41 -12.57 4.95
C LEU A 104 -0.15 -12.17 6.31
N GLU A 105 -0.97 -13.02 6.93
CA GLU A 105 -1.61 -12.72 8.23
C GLU A 105 -0.90 -13.59 9.26
N ILE A 106 -1.27 -13.48 10.53
CA ILE A 106 -0.62 -14.26 11.62
C ILE A 106 -1.63 -15.30 12.07
N LYS A 107 -1.39 -16.59 11.80
CA LYS A 107 -2.34 -17.61 12.30
C LYS A 107 -2.39 -17.50 13.82
N ARG A 108 -3.57 -17.22 14.37
CA ARG A 108 -3.73 -17.08 15.83
C ARG A 108 -4.89 -17.97 16.27
N THR A 109 -5.09 -18.15 17.58
CA THR A 109 -6.20 -18.97 18.10
C THR A 109 -7.53 -18.30 17.77
N VAL A 110 -8.54 -19.09 17.42
CA VAL A 110 -9.86 -18.54 17.04
C VAL A 110 -10.38 -17.75 18.24
N ALA A 111 -10.71 -16.48 18.04
CA ALA A 111 -11.18 -15.64 19.16
C ALA A 111 -12.55 -15.06 18.81
N ALA A 112 -13.47 -15.07 19.78
CA ALA A 112 -14.85 -14.60 19.51
C ALA A 112 -14.94 -13.09 19.63
N PRO A 113 -15.80 -12.40 18.84
CA PRO A 113 -15.87 -10.96 18.94
C PRO A 113 -16.53 -10.48 20.23
N SER A 114 -16.29 -9.25 20.65
CA SER A 114 -17.01 -8.62 21.78
C SER A 114 -17.93 -7.58 21.14
N VAL A 115 -19.24 -7.76 21.18
CA VAL A 115 -20.18 -6.90 20.41
C VAL A 115 -20.69 -5.75 21.27
N PHE A 116 -20.68 -4.54 20.73
CA PHE A 116 -21.16 -3.36 21.48
C PHE A 116 -22.01 -2.49 20.56
N ILE A 117 -23.11 -1.93 21.07
CA ILE A 117 -24.01 -1.06 20.26
C ILE A 117 -23.92 0.34 20.87
N PHE A 118 -23.77 1.36 20.03
CA PHE A 118 -23.63 2.76 20.48
C PHE A 118 -24.80 3.58 19.93
N PRO A 119 -25.69 4.13 20.77
CA PRO A 119 -26.85 4.86 20.30
C PRO A 119 -26.49 6.24 19.77
N PRO A 120 -27.34 6.85 18.91
CA PRO A 120 -27.04 8.16 18.36
C PRO A 120 -26.90 9.20 19.46
N SER A 121 -25.86 10.03 19.43
CA SER A 121 -25.68 11.13 20.38
C SER A 121 -26.73 12.19 20.08
N ASP A 122 -27.26 12.90 21.07
CA ASP A 122 -28.31 13.93 20.93
C ASP A 122 -27.73 15.05 20.08
N GLU A 123 -26.46 15.38 20.28
CA GLU A 123 -25.80 16.47 19.51
C GLU A 123 -25.99 16.18 18.02
N GLN A 124 -25.76 14.93 17.61
CA GLN A 124 -25.96 14.50 16.20
C GLN A 124 -27.46 14.51 15.90
N LEU A 125 -28.27 14.03 16.84
CA LEU A 125 -29.74 13.91 16.64
C LEU A 125 -30.35 15.30 16.43
N LYS A 126 -29.72 16.37 16.92
CA LYS A 126 -30.22 17.74 16.65
C LYS A 126 -30.33 17.87 15.13
N SER A 127 -29.26 17.53 14.40
CA SER A 127 -29.28 17.55 12.91
C SER A 127 -30.13 16.37 12.45
N GLY A 128 -30.53 16.32 11.18
CA GLY A 128 -31.31 15.19 10.67
C GLY A 128 -30.49 13.92 10.81
N THR A 129 -29.17 14.01 10.99
CA THR A 129 -28.26 12.83 11.04
C THR A 129 -28.49 11.97 12.30
N ALA A 130 -28.45 10.65 12.16
CA ALA A 130 -28.61 9.69 13.29
C ALA A 130 -27.77 8.49 12.86
N SER A 131 -26.70 8.16 13.59
CA SER A 131 -25.75 7.07 13.26
C SER A 131 -25.74 6.08 14.43
N VAL A 132 -25.71 4.77 14.16
CA VAL A 132 -25.68 3.71 15.22
C VAL A 132 -24.49 2.79 14.97
N VAL A 133 -23.41 2.94 15.74
CA VAL A 133 -22.14 2.17 15.52
C VAL A 133 -22.16 0.85 16.30
N CYS A 134 -21.88 -0.28 15.65
CA CYS A 134 -21.76 -1.59 16.34
C CYS A 134 -20.28 -2.00 16.28
N LEU A 135 -19.68 -2.43 17.38
CA LEU A 135 -18.22 -2.72 17.45
C LEU A 135 -17.94 -4.18 17.77
N LEU A 136 -17.32 -4.92 16.86
CA LEU A 136 -16.86 -6.29 17.16
C LEU A 136 -15.40 -6.10 17.58
N ASN A 137 -14.90 -6.69 18.67
CA ASN A 137 -13.52 -6.39 19.14
C ASN A 137 -12.69 -7.65 19.34
N ASN A 138 -11.42 -7.63 18.93
CA ASN A 138 -10.48 -8.77 19.12
C ASN A 138 -10.93 -10.13 18.60
N PHE A 139 -11.46 -10.20 17.39
CA PHE A 139 -11.82 -11.52 16.80
C PHE A 139 -10.67 -11.99 15.90
N TYR A 140 -10.35 -13.28 15.89
CA TYR A 140 -9.20 -13.67 15.02
C TYR A 140 -9.63 -13.86 13.57
N PRO A 141 -10.49 -14.83 13.21
CA PRO A 141 -10.79 -15.01 11.80
C PRO A 141 -11.42 -13.67 11.39
N ARG A 142 -10.80 -12.96 10.44
CA ARG A 142 -11.31 -11.62 10.03
C ARG A 142 -12.70 -11.79 9.42
N GLU A 143 -12.90 -12.89 8.71
CA GLU A 143 -14.22 -13.15 8.08
C GLU A 143 -15.26 -13.06 9.18
N ALA A 144 -16.10 -12.03 9.16
CA ALA A 144 -17.16 -11.84 10.16
C ALA A 144 -18.36 -11.21 9.47
N LYS A 145 -19.56 -11.50 9.96
CA LYS A 145 -20.80 -10.96 9.36
C LYS A 145 -21.47 -10.03 10.36
N VAL A 146 -22.11 -8.97 9.88
CA VAL A 146 -22.92 -8.08 10.76
C VAL A 146 -24.27 -7.88 10.08
N GLN A 147 -25.37 -8.08 10.82
CA GLN A 147 -26.73 -7.76 10.31
C GLN A 147 -27.17 -6.55 11.11
N TRP A 148 -28.21 -5.84 10.64
CA TRP A 148 -28.76 -4.67 11.38
C TRP A 148 -30.29 -4.82 11.39
N LYS A 149 -30.87 -5.27 12.51
CA LYS A 149 -32.34 -5.51 12.54
C LYS A 149 -33.03 -4.39 13.34
N VAL A 150 -33.92 -3.64 12.69
CA VAL A 150 -34.68 -2.58 13.40
C VAL A 150 -36.12 -3.07 13.58
N ASP A 151 -36.62 -3.02 14.81
CA ASP A 151 -38.00 -3.51 15.08
C ASP A 151 -38.10 -4.90 14.44
N ASN A 152 -37.02 -5.68 14.49
CA ASN A 152 -37.00 -7.07 13.95
C ASN A 152 -37.09 -7.05 12.42
N ALA A 153 -36.74 -5.94 11.78
CA ALA A 153 -36.71 -5.93 10.31
C ALA A 153 -35.26 -5.75 9.85
N LEU A 154 -34.75 -6.70 9.07
CA LEU A 154 -33.34 -6.62 8.60
C LEU A 154 -33.19 -5.30 7.84
N GLN A 155 -32.08 -4.60 8.04
CA GLN A 155 -31.83 -3.28 7.41
C GLN A 155 -30.58 -3.41 6.55
N SER A 156 -30.73 -3.58 5.23
CA SER A 156 -29.60 -3.74 4.27
C SER A 156 -29.48 -2.49 3.40
N GLY A 157 -28.25 -2.08 3.07
CA GLY A 157 -28.05 -0.93 2.17
C GLY A 157 -27.97 0.39 2.91
N ASN A 158 -27.93 0.35 4.24
CA ASN A 158 -27.93 1.61 5.03
C ASN A 158 -26.71 1.66 5.95
N SER A 159 -25.79 0.69 5.81
CA SER A 159 -24.64 0.63 6.74
C SER A 159 -23.30 0.57 5.99
N GLN A 160 -22.22 1.03 6.61
CA GLN A 160 -20.86 0.97 6.02
C GLN A 160 -19.92 0.30 7.02
N GLU A 161 -19.01 -0.57 6.59
CA GLU A 161 -18.16 -1.37 7.51
C GLU A 161 -16.68 -1.00 7.39
N SER A 162 -15.97 -0.78 8.50
CA SER A 162 -14.51 -0.51 8.49
C SER A 162 -13.81 -1.49 9.44
N VAL A 163 -12.76 -2.16 8.98
CA VAL A 163 -12.05 -3.18 9.80
C VAL A 163 -10.63 -2.70 10.10
N THR A 164 -10.14 -2.94 11.32
CA THR A 164 -8.77 -2.54 11.72
C THR A 164 -7.75 -3.57 11.25
N GLU A 165 -6.51 -3.16 11.04
CA GLU A 165 -5.42 -4.08 10.64
C GLU A 165 -5.09 -4.95 11.84
N GLN A 166 -4.61 -6.16 11.61
CA GLN A 166 -4.33 -7.13 12.71
C GLN A 166 -3.55 -6.44 13.81
N ASP A 167 -3.93 -6.63 15.08
CA ASP A 167 -3.28 -5.93 16.22
C ASP A 167 -1.84 -6.40 16.40
N SER A 168 -0.99 -5.58 17.01
CA SER A 168 0.41 -5.98 17.29
C SER A 168 0.55 -7.04 18.39
N LYS A 169 0.11 -6.75 19.60
CA LYS A 169 0.16 -7.77 20.68
C LYS A 169 -0.91 -8.83 20.42
N ASP A 170 -2.18 -8.45 20.38
CA ASP A 170 -3.27 -9.46 20.30
C ASP A 170 -3.23 -10.23 18.98
N SER A 171 -2.71 -9.65 17.91
CA SER A 171 -2.79 -10.33 16.59
C SER A 171 -4.26 -10.66 16.33
N THR A 172 -5.17 -9.81 16.80
CA THR A 172 -6.63 -10.00 16.56
C THR A 172 -7.14 -8.90 15.65
N TYR A 173 -8.45 -8.90 15.35
CA TYR A 173 -9.04 -7.83 14.48
C TYR A 173 -10.20 -7.13 15.17
N SER A 174 -10.62 -5.99 14.63
CA SER A 174 -11.79 -5.26 15.16
C SER A 174 -12.61 -4.69 14.01
N LEU A 175 -13.94 -4.74 14.10
CA LEU A 175 -14.80 -4.29 12.99
C LEU A 175 -15.82 -3.26 13.50
N SER A 176 -16.24 -2.34 12.62
CA SER A 176 -17.23 -1.32 13.00
C SER A 176 -18.23 -1.10 11.87
N SER A 177 -19.49 -1.51 12.06
CA SER A 177 -20.55 -1.25 11.06
C SER A 177 -21.44 -0.12 11.57
N THR A 178 -21.42 1.04 10.93
CA THR A 178 -22.23 2.21 11.36
C THR A 178 -23.45 2.30 10.45
N LEU A 179 -24.67 2.23 11.02
CA LEU A 179 -25.91 2.35 10.21
C LEU A 179 -26.24 3.84 10.17
N THR A 180 -26.64 4.34 9.01
CA THR A 180 -26.97 5.77 8.81
C THR A 180 -28.46 5.90 8.50
N LEU A 181 -29.24 6.54 9.37
CA LEU A 181 -30.70 6.67 9.17
C LEU A 181 -31.13 8.10 9.52
N SER A 182 -32.08 8.67 8.80
CA SER A 182 -32.45 10.07 9.09
C SER A 182 -33.13 10.13 10.47
N LYS A 183 -33.02 11.27 11.15
CA LYS A 183 -33.71 11.45 12.45
C LYS A 183 -35.12 10.89 12.35
N ALA A 184 -35.77 11.12 11.21
CA ALA A 184 -37.15 10.65 10.99
C ALA A 184 -37.46 9.16 11.10
N ASP A 185 -36.70 8.34 10.37
CA ASP A 185 -36.99 6.89 10.33
C ASP A 185 -36.53 6.42 11.72
N TYR A 186 -35.56 7.12 12.32
CA TYR A 186 -35.07 6.76 13.67
C TYR A 186 -36.23 6.86 14.65
N GLU A 187 -36.71 8.08 14.88
CA GLU A 187 -37.78 8.27 15.88
C GLU A 187 -38.98 7.42 15.45
N LYS A 188 -38.99 6.98 14.20
CA LYS A 188 -40.11 6.17 13.64
C LYS A 188 -39.91 4.69 13.94
N HIS A 189 -38.97 4.30 14.81
CA HIS A 189 -38.79 2.88 15.19
C HIS A 189 -38.51 2.80 16.70
N LYS A 190 -38.46 1.59 17.28
CA LYS A 190 -38.29 1.36 18.74
C LYS A 190 -37.07 0.51 19.05
N VAL A 191 -36.90 -0.61 18.36
CA VAL A 191 -35.75 -1.55 18.57
C VAL A 191 -34.64 -1.28 17.55
N TYR A 192 -33.39 -1.25 18.00
CA TYR A 192 -32.19 -1.10 17.15
C TYR A 192 -31.18 -2.17 17.58
N ALA A 193 -31.09 -3.30 16.89
CA ALA A 193 -30.24 -4.43 17.31
C ALA A 193 -29.18 -4.74 16.24
N CYS A 194 -28.05 -5.32 16.67
CA CYS A 194 -26.95 -5.66 15.74
C CYS A 194 -26.65 -7.14 15.89
N GLU A 195 -26.71 -7.89 14.80
CA GLU A 195 -26.41 -9.34 14.80
C GLU A 195 -24.95 -9.52 14.44
N VAL A 196 -24.33 -10.55 14.98
CA VAL A 196 -22.88 -10.79 14.77
C VAL A 196 -22.71 -12.28 14.53
N THR A 197 -22.20 -12.70 13.38
CA THR A 197 -22.00 -14.14 13.04
C THR A 197 -20.52 -14.36 12.79
N HIS A 198 -19.84 -15.16 13.61
CA HIS A 198 -18.35 -15.34 13.52
C HIS A 198 -17.96 -16.80 13.73
N GLN A 199 -16.77 -17.18 13.27
CA GLN A 199 -16.30 -18.60 13.36
C GLN A 199 -16.26 -19.04 14.82
N GLY A 200 -15.68 -18.22 15.70
CA GLY A 200 -15.53 -18.60 17.12
C GLY A 200 -16.85 -18.65 17.83
N LEU A 201 -17.85 -17.90 17.36
CA LEU A 201 -19.18 -17.87 18.00
C LEU A 201 -19.92 -19.16 17.68
N SER A 202 -20.42 -19.88 18.70
CA SER A 202 -21.26 -21.07 18.42
C SER A 202 -22.65 -20.58 18.01
N SER A 203 -23.16 -19.59 18.73
CA SER A 203 -24.51 -19.05 18.44
C SER A 203 -24.36 -17.62 17.94
N PRO A 204 -25.23 -17.09 17.05
CA PRO A 204 -25.17 -15.67 16.70
C PRO A 204 -25.38 -14.86 17.99
N VAL A 205 -24.66 -13.76 18.15
CA VAL A 205 -24.78 -12.86 19.35
C VAL A 205 -25.44 -11.57 18.88
N THR A 206 -26.68 -11.32 19.27
CA THR A 206 -27.45 -10.13 18.82
C THR A 206 -27.70 -9.19 20.00
N LYS A 207 -26.91 -8.12 20.13
CA LYS A 207 -27.10 -7.09 21.19
C LYS A 207 -28.24 -6.19 20.71
N SER A 208 -28.79 -5.35 21.58
CA SER A 208 -29.98 -4.54 21.20
C SER A 208 -30.10 -3.29 22.07
N PHE A 209 -30.63 -2.20 21.51
CA PHE A 209 -30.87 -0.97 22.30
C PHE A 209 -32.28 -0.50 22.01
N ASN A 210 -33.14 -0.50 23.02
CA ASN A 210 -34.57 -0.14 22.80
C ASN A 210 -34.85 1.27 23.33
N ARG A 211 -34.59 2.32 22.53
CA ARG A 211 -34.95 3.68 23.00
C ARG A 211 -35.79 4.38 21.94
N GLY A 212 -35.98 3.76 20.79
CA GLY A 212 -36.85 4.35 19.75
C GLY A 212 -36.21 5.53 19.04
N THR B 1 43.76 1.07 -17.14
CA THR B 1 43.84 1.99 -15.98
C THR B 1 42.66 2.96 -16.04
N LYS B 2 42.21 3.30 -17.24
CA LYS B 2 41.06 4.22 -17.41
C LYS B 2 40.18 3.62 -18.48
N CYS B 3 39.28 2.71 -18.11
CA CYS B 3 38.45 1.99 -19.13
C CYS B 3 36.97 2.32 -18.97
N TYR B 4 36.08 1.64 -19.70
CA TYR B 4 34.64 1.98 -19.66
C TYR B 4 33.91 0.98 -18.76
N VAL B 5 32.94 1.46 -17.96
CA VAL B 5 32.16 0.56 -17.06
C VAL B 5 30.71 0.54 -17.53
N THR B 6 30.08 -0.63 -17.61
CA THR B 6 28.74 -0.76 -18.22
C THR B 6 27.65 0.09 -17.55
N PRO B 7 27.17 -0.23 -16.32
CA PRO B 7 26.03 0.49 -15.76
C PRO B 7 25.83 1.99 -15.93
N ASP B 8 26.90 2.77 -15.75
CA ASP B 8 26.91 4.21 -16.08
C ASP B 8 27.39 4.35 -17.53
N ALA B 9 28.12 3.35 -18.05
CA ALA B 9 28.64 3.41 -19.44
C ALA B 9 29.47 4.68 -19.65
N THR B 10 30.40 4.98 -18.75
CA THR B 10 31.28 6.15 -18.96
C THR B 10 32.72 5.70 -18.78
N SER B 11 33.70 6.50 -19.19
CA SER B 11 35.12 6.18 -18.93
C SER B 11 35.34 6.34 -17.43
N GLN B 12 35.37 5.24 -16.68
CA GLN B 12 35.57 5.29 -15.21
C GLN B 12 37.00 4.85 -14.90
N THR B 13 37.78 5.72 -14.27
CA THR B 13 39.18 5.41 -13.87
C THR B 13 39.07 3.96 -13.38
N CYS B 14 39.74 3.03 -14.07
CA CYS B 14 39.79 1.62 -13.58
C CYS B 14 40.54 1.65 -12.26
N PRO B 15 40.23 0.79 -11.26
CA PRO B 15 40.90 0.85 -9.96
C PRO B 15 42.38 0.43 -9.96
N ASP B 16 43.09 0.73 -8.86
CA ASP B 16 44.54 0.44 -8.78
C ASP B 16 44.79 -1.07 -8.99
N GLY B 17 45.75 -1.42 -9.85
CA GLY B 17 46.07 -2.83 -10.09
C GLY B 17 45.18 -3.44 -11.15
N GLN B 18 44.08 -2.76 -11.47
CA GLN B 18 43.12 -3.29 -12.47
C GLN B 18 43.33 -2.52 -13.77
N ASP B 19 43.77 -3.21 -14.83
CA ASP B 19 44.10 -2.54 -16.11
C ASP B 19 43.53 -3.36 -17.27
N ILE B 20 42.27 -3.75 -17.18
CA ILE B 20 41.60 -4.59 -18.22
C ILE B 20 40.22 -3.97 -18.47
N CYS B 21 39.50 -4.43 -19.38
CA CYS B 21 38.18 -3.90 -19.79
C CYS B 21 37.73 -5.19 -20.42
N TYR B 22 36.71 -5.78 -19.80
CA TYR B 22 36.12 -7.01 -20.34
C TYR B 22 34.90 -6.59 -21.14
N THR B 23 34.83 -6.98 -22.41
CA THR B 23 33.57 -6.70 -23.14
C THR B 23 32.75 -7.98 -23.07
N LYS B 24 32.25 -8.34 -21.89
CA LYS B 24 31.54 -9.64 -21.80
C LYS B 24 30.31 -9.62 -22.70
N THR B 25 30.17 -10.61 -23.57
CA THR B 25 28.97 -10.70 -24.44
C THR B 25 28.35 -12.09 -24.31
N TRP B 26 27.03 -12.16 -24.23
CA TRP B 26 26.31 -13.46 -24.10
C TRP B 26 24.86 -13.22 -24.52
N CYS B 27 24.09 -14.29 -24.76
CA CYS B 27 22.71 -14.06 -25.26
C CYS B 27 21.68 -14.43 -24.19
N ASP B 28 20.67 -13.57 -23.99
CA ASP B 28 19.56 -13.92 -23.06
C ASP B 28 18.33 -14.25 -23.89
N GLY B 29 17.14 -14.17 -23.29
CA GLY B 29 15.90 -14.50 -24.01
C GLY B 29 15.85 -13.56 -25.18
N PHE B 30 15.72 -12.25 -24.92
CA PHE B 30 15.74 -11.26 -26.02
C PHE B 30 17.18 -11.14 -26.50
N CYS B 31 17.63 -12.02 -27.40
CA CYS B 31 19.07 -11.92 -27.74
C CYS B 31 18.49 -11.97 -29.16
N SER B 32 17.32 -12.59 -29.30
CA SER B 32 16.68 -12.72 -30.64
C SER B 32 16.40 -11.36 -31.26
N SER B 33 15.94 -10.40 -30.46
CA SER B 33 15.51 -9.09 -31.04
C SER B 33 16.44 -7.95 -30.63
N ARG B 34 17.34 -8.20 -29.69
CA ARG B 34 18.16 -7.07 -29.17
C ARG B 34 19.62 -7.30 -29.53
N GLY B 35 20.14 -8.47 -29.21
CA GLY B 35 21.57 -8.73 -29.45
C GLY B 35 22.25 -9.13 -28.16
N LYS B 36 23.51 -9.55 -28.25
CA LYS B 36 24.19 -10.05 -27.03
C LYS B 36 24.16 -8.96 -25.96
N ARG B 37 23.75 -9.30 -24.75
CA ARG B 37 23.86 -8.29 -23.68
C ARG B 37 25.34 -7.94 -23.56
N ILE B 38 25.68 -6.67 -23.71
CA ILE B 38 27.10 -6.25 -23.67
C ILE B 38 27.46 -5.89 -22.24
N ASP B 39 28.69 -6.18 -21.84
CA ASP B 39 29.17 -5.77 -20.49
C ASP B 39 30.64 -5.32 -20.51
N LEU B 40 30.94 -4.04 -20.22
CA LEU B 40 32.31 -3.50 -20.15
C LEU B 40 32.67 -3.22 -18.69
N GLY B 41 33.93 -2.88 -18.40
CA GLY B 41 34.38 -2.62 -17.03
C GLY B 41 35.87 -2.71 -16.82
N CYS B 42 36.31 -3.06 -15.60
CA CYS B 42 37.74 -3.14 -15.22
C CYS B 42 38.05 -4.50 -14.64
N ALA B 43 39.32 -4.92 -14.66
CA ALA B 43 39.76 -6.21 -14.11
C ALA B 43 41.28 -6.22 -14.03
N ALA B 44 41.85 -7.19 -13.30
CA ALA B 44 43.31 -7.37 -13.24
C ALA B 44 43.61 -8.72 -13.88
N THR B 45 42.55 -9.49 -14.16
CA THR B 45 42.70 -10.77 -14.87
C THR B 45 41.61 -10.86 -15.95
N CYS B 46 41.99 -11.09 -17.21
CA CYS B 46 40.92 -11.30 -18.22
C CYS B 46 39.87 -12.18 -17.55
N PRO B 47 38.65 -11.67 -17.30
CA PRO B 47 37.66 -12.44 -16.56
C PRO B 47 37.37 -13.82 -17.15
N LYS B 48 36.80 -14.71 -16.32
CA LYS B 48 36.48 -16.10 -16.74
C LYS B 48 35.29 -16.06 -17.69
N VAL B 49 34.94 -17.17 -18.34
CA VAL B 49 33.88 -17.19 -19.38
C VAL B 49 32.93 -18.37 -19.15
N LYS B 50 31.66 -18.22 -19.53
CA LYS B 50 30.64 -19.30 -19.44
C LYS B 50 30.38 -19.78 -20.88
N PRO B 51 29.71 -20.94 -21.10
CA PRO B 51 29.55 -21.48 -22.46
C PRO B 51 29.14 -20.40 -23.48
N GLY B 52 28.24 -19.49 -23.11
CA GLY B 52 27.77 -18.47 -24.06
C GLY B 52 28.42 -17.12 -23.87
N VAL B 53 29.26 -16.97 -22.85
CA VAL B 53 29.91 -15.67 -22.58
C VAL B 53 31.11 -15.58 -23.51
N ASP B 54 31.42 -14.37 -24.00
CA ASP B 54 32.58 -14.14 -24.88
C ASP B 54 33.15 -12.79 -24.43
N ILE B 55 34.46 -12.66 -24.25
CA ILE B 55 34.96 -11.39 -23.66
C ILE B 55 36.27 -10.95 -24.32
N LYS B 56 36.33 -9.70 -24.80
CA LYS B 56 37.53 -9.11 -25.43
C LYS B 56 38.14 -8.15 -24.42
N CYS B 57 39.42 -8.30 -24.08
CA CYS B 57 40.01 -7.51 -22.96
C CYS B 57 41.06 -6.53 -23.47
N CYS B 58 40.77 -5.23 -23.43
CA CYS B 58 41.74 -4.18 -23.83
C CYS B 58 42.75 -4.02 -22.69
N SER B 59 43.84 -3.27 -22.91
CA SER B 59 44.79 -3.00 -21.84
C SER B 59 45.17 -1.52 -21.86
N THR B 60 44.75 -0.83 -22.92
CA THR B 60 45.03 0.62 -23.09
C THR B 60 43.82 1.35 -22.51
N ASP B 61 43.81 2.67 -22.60
CA ASP B 61 42.71 3.48 -21.99
C ASP B 61 41.51 3.78 -22.90
N ASN B 62 40.30 3.72 -22.36
CA ASN B 62 39.05 3.98 -23.12
C ASN B 62 39.03 3.02 -24.31
N CYS B 63 39.45 1.77 -24.13
CA CYS B 63 39.39 0.90 -25.35
C CYS B 63 38.51 -0.30 -24.96
N ASN B 64 37.52 -0.04 -24.11
CA ASN B 64 36.54 -1.07 -23.70
C ASN B 64 35.21 -0.52 -24.18
N PRO B 65 35.02 -0.26 -25.50
CA PRO B 65 33.83 0.44 -25.96
C PRO B 65 32.68 -0.43 -26.48
N PHE B 66 31.54 0.21 -26.73
CA PHE B 66 30.33 -0.54 -27.17
C PHE B 66 30.01 -0.15 -28.60
N PRO B 67 29.58 -1.10 -29.46
CA PRO B 67 29.14 -0.73 -30.82
C PRO B 67 28.01 0.30 -30.72
N THR B 68 27.86 1.15 -31.75
CA THR B 68 26.81 2.21 -31.71
C THR B 68 25.55 1.69 -31.03
N VAL C 2 20.56 5.20 -3.16
CA VAL C 2 19.84 6.11 -4.07
C VAL C 2 18.47 6.35 -3.43
N GLN C 3 18.04 7.60 -3.29
CA GLN C 3 16.76 7.92 -2.63
C GLN C 3 15.87 8.71 -3.59
N LEU C 4 14.56 8.54 -3.48
CA LEU C 4 13.59 9.28 -4.33
C LEU C 4 12.68 10.03 -3.36
N VAL C 5 12.62 11.35 -3.48
CA VAL C 5 11.79 12.19 -2.55
C VAL C 5 10.70 12.88 -3.37
N GLN C 6 9.44 12.50 -3.18
CA GLN C 6 8.34 13.02 -4.04
C GLN C 6 7.65 14.24 -3.44
N SER C 7 6.66 14.81 -4.14
CA SER C 7 5.88 16.00 -3.71
C SER C 7 5.05 15.65 -2.49
N GLY C 8 4.36 16.63 -1.93
CA GLY C 8 3.38 16.39 -0.85
C GLY C 8 2.02 16.00 -1.38
N ALA C 9 1.07 15.73 -0.50
CA ALA C 9 -0.31 15.39 -0.90
C ALA C 9 -0.91 16.56 -1.67
N GLU C 10 -1.87 16.23 -2.53
CA GLU C 10 -2.55 17.26 -3.35
C GLU C 10 -4.04 16.93 -3.44
N VAL C 11 -4.89 17.89 -3.09
CA VAL C 11 -6.36 17.72 -3.28
C VAL C 11 -6.72 18.45 -4.57
N LYS C 12 -7.36 17.78 -5.52
CA LYS C 12 -7.65 18.42 -6.83
C LYS C 12 -9.12 18.16 -7.22
N LYS C 13 -9.67 18.99 -8.10
CA LYS C 13 -11.10 18.88 -8.44
C LYS C 13 -11.28 18.19 -9.79
N PRO C 14 -12.45 17.61 -10.12
CA PRO C 14 -12.62 16.98 -11.41
C PRO C 14 -12.25 17.91 -12.56
N GLY C 15 -11.44 17.43 -13.51
CA GLY C 15 -11.02 18.26 -14.66
C GLY C 15 -9.69 18.96 -14.40
N SER C 16 -9.27 19.02 -13.16
CA SER C 16 -8.02 19.74 -12.85
C SER C 16 -6.81 18.91 -13.30
N SER C 17 -5.61 19.43 -13.12
CA SER C 17 -4.36 18.74 -13.55
C SER C 17 -3.36 18.80 -12.40
N VAL C 18 -2.64 17.69 -12.20
CA VAL C 18 -1.67 17.55 -11.09
C VAL C 18 -0.27 17.33 -11.65
N LYS C 19 0.75 17.86 -10.99
CA LYS C 19 2.15 17.59 -11.41
C LYS C 19 2.89 17.14 -10.16
N VAL C 20 3.50 15.95 -10.19
CA VAL C 20 4.13 15.42 -8.95
C VAL C 20 5.64 15.39 -9.16
N SER C 21 6.39 15.87 -8.18
CA SER C 21 7.87 15.92 -8.25
C SER C 21 8.44 14.59 -7.77
N CYS C 22 9.54 14.15 -8.36
CA CYS C 22 10.27 12.95 -7.88
C CYS C 22 11.74 13.30 -7.95
N LYS C 23 12.40 13.50 -6.81
CA LYS C 23 13.81 13.96 -6.79
C LYS C 23 14.80 12.83 -6.54
N ALA C 24 15.67 12.57 -7.50
CA ALA C 24 16.62 11.45 -7.37
C ALA C 24 17.90 11.92 -6.69
N SER C 25 18.50 11.07 -5.85
CA SER C 25 19.70 11.49 -5.11
C SER C 25 20.63 10.30 -4.87
N GLY C 26 21.94 10.55 -4.93
CA GLY C 26 22.93 9.50 -4.66
C GLY C 26 23.29 8.64 -5.85
N GLY C 27 22.58 8.80 -6.98
CA GLY C 27 22.83 7.90 -8.13
C GLY C 27 22.86 8.63 -9.47
N THR C 28 23.44 7.99 -10.49
CA THR C 28 23.50 8.59 -11.84
C THR C 28 22.08 8.69 -12.42
N PHE C 29 21.52 9.90 -12.50
CA PHE C 29 20.14 10.10 -13.01
C PHE C 29 20.04 9.66 -14.47
N SER C 30 21.07 9.96 -15.27
CA SER C 30 21.01 9.63 -16.73
C SER C 30 21.07 8.11 -16.94
N SER C 31 22.09 7.45 -16.39
CA SER C 31 22.25 5.99 -16.64
C SER C 31 21.04 5.20 -16.16
N TYR C 32 20.11 5.86 -15.46
CA TYR C 32 18.88 5.20 -14.98
C TYR C 32 17.61 5.65 -15.68
N ALA C 33 16.48 5.04 -15.34
CA ALA C 33 15.18 5.44 -15.92
C ALA C 33 14.20 5.66 -14.78
N ILE C 34 13.35 6.68 -14.91
CA ILE C 34 12.37 7.01 -13.84
C ILE C 34 10.97 6.69 -14.35
N SER C 35 10.34 5.69 -13.76
CA SER C 35 8.96 5.34 -14.13
C SER C 35 8.01 5.87 -13.06
N TRP C 36 6.72 5.65 -13.24
CA TRP C 36 5.70 6.10 -12.28
C TRP C 36 4.66 5.00 -12.17
N VAL C 37 4.06 4.76 -11.00
CA VAL C 37 3.10 3.65 -10.76
C VAL C 37 2.11 4.08 -9.69
N ARG C 38 0.82 4.17 -10.02
CA ARG C 38 -0.21 4.64 -9.06
C ARG C 38 -0.84 3.46 -8.32
N GLN C 39 -1.16 3.63 -7.04
CA GLN C 39 -1.77 2.58 -6.19
C GLN C 39 -3.07 3.13 -5.61
N ALA C 40 -4.21 2.77 -6.20
CA ALA C 40 -5.52 3.27 -5.74
C ALA C 40 -5.74 2.74 -4.34
N PRO C 41 -6.69 3.28 -3.57
CA PRO C 41 -6.87 2.89 -2.18
C PRO C 41 -7.20 1.39 -2.08
N GLY C 42 -6.50 0.65 -1.22
CA GLY C 42 -6.76 -0.78 -1.04
C GLY C 42 -6.80 -1.49 -2.37
N GLN C 43 -5.97 -1.06 -3.31
CA GLN C 43 -5.91 -1.67 -4.67
C GLN C 43 -4.45 -2.04 -4.94
N GLY C 44 -4.15 -2.57 -6.13
CA GLY C 44 -2.80 -2.99 -6.50
C GLY C 44 -2.04 -1.88 -7.18
N LEU C 45 -0.87 -2.17 -7.74
CA LEU C 45 0.01 -1.15 -8.36
C LEU C 45 -0.20 -1.19 -9.88
N GLU C 46 -0.27 -0.03 -10.52
CA GLU C 46 -0.50 0.08 -11.97
C GLU C 46 0.60 0.94 -12.59
N TRP C 47 1.37 0.43 -13.53
CA TRP C 47 2.40 1.21 -14.26
C TRP C 47 1.69 2.28 -15.09
N MET C 48 2.15 3.53 -15.02
CA MET C 48 1.56 4.66 -15.75
C MET C 48 2.48 5.03 -16.91
N GLY C 49 3.79 5.11 -16.68
CA GLY C 49 4.73 5.32 -17.79
C GLY C 49 6.15 5.42 -17.29
N GLY C 50 7.07 5.70 -18.19
CA GLY C 50 8.49 5.81 -17.81
C GLY C 50 9.25 6.74 -18.73
N TYR C 51 10.32 7.35 -18.23
CA TYR C 51 11.12 8.31 -19.04
C TYR C 51 12.59 7.98 -18.93
N ILE C 52 13.23 7.65 -20.04
CA ILE C 52 14.70 7.43 -20.01
C ILE C 52 15.33 8.74 -20.47
N PRO C 53 15.99 9.51 -19.58
CA PRO C 53 16.52 10.81 -19.96
C PRO C 53 17.50 10.70 -21.14
N ILE C 54 18.44 9.77 -21.05
CA ILE C 54 19.43 9.57 -22.14
C ILE C 54 18.68 9.69 -23.47
N PHE C 55 17.58 8.96 -23.61
CA PHE C 55 16.84 8.95 -24.89
C PHE C 55 15.85 10.11 -24.94
N GLY C 56 15.41 10.61 -23.78
CA GLY C 56 14.52 11.78 -23.80
C GLY C 56 13.11 11.38 -24.19
N THR C 57 12.92 10.11 -24.54
CA THR C 57 11.58 9.68 -24.98
C THR C 57 10.87 9.13 -23.74
N ALA C 58 9.54 9.15 -23.72
CA ALA C 58 8.73 8.65 -22.59
C ALA C 58 7.80 7.56 -23.10
N ASN C 59 7.80 6.38 -22.47
CA ASN C 59 6.96 5.23 -22.89
C ASN C 59 5.74 5.22 -21.97
N TYR C 60 4.58 5.56 -22.49
CA TYR C 60 3.35 5.68 -21.67
C TYR C 60 2.47 4.46 -21.91
N ALA C 61 1.68 4.08 -20.92
CA ALA C 61 0.73 2.96 -21.12
C ALA C 61 -0.40 3.46 -22.01
N GLN C 62 -1.07 2.55 -22.71
CA GLN C 62 -2.21 2.94 -23.58
C GLN C 62 -3.20 3.71 -22.72
N LYS C 63 -3.64 3.11 -21.62
CA LYS C 63 -4.51 3.89 -20.71
C LYS C 63 -3.58 4.99 -20.23
N PHE C 64 -4.02 6.23 -20.10
CA PHE C 64 -3.16 7.37 -19.72
C PHE C 64 -2.37 7.86 -20.93
N GLN C 65 -2.69 7.41 -22.13
CA GLN C 65 -1.95 7.99 -23.29
C GLN C 65 -2.69 9.26 -23.70
N GLY C 66 -2.03 10.40 -23.58
CA GLY C 66 -2.76 11.66 -23.86
C GLY C 66 -3.23 12.36 -22.61
N ARG C 67 -3.20 11.71 -21.45
CA ARG C 67 -3.52 12.39 -20.17
C ARG C 67 -2.25 12.45 -19.32
N VAL C 68 -1.36 11.48 -19.48
CA VAL C 68 -0.10 11.45 -18.68
C VAL C 68 1.00 12.10 -19.49
N THR C 69 1.73 13.01 -18.87
CA THR C 69 2.93 13.61 -19.53
C THR C 69 4.09 13.56 -18.54
N ILE C 70 5.12 12.74 -18.80
CA ILE C 70 6.26 12.53 -17.88
C ILE C 70 7.43 13.38 -18.39
N THR C 71 8.09 14.12 -17.50
CA THR C 71 9.22 15.00 -17.89
C THR C 71 10.39 14.81 -16.93
N ALA C 72 11.60 15.21 -17.31
CA ALA C 72 12.81 15.09 -16.47
C ALA C 72 13.71 16.31 -16.64
N ASP C 73 14.32 16.76 -15.54
CA ASP C 73 15.20 17.96 -15.54
C ASP C 73 16.55 17.59 -14.94
N GLU C 74 17.48 17.09 -15.75
CA GLU C 74 18.79 16.60 -15.24
C GLU C 74 19.38 17.65 -14.29
N SER C 75 19.16 18.92 -14.62
CA SER C 75 19.71 20.01 -13.79
C SER C 75 19.37 19.75 -12.32
N THR C 76 18.08 19.57 -12.02
CA THR C 76 17.67 19.38 -10.61
C THR C 76 17.56 17.88 -10.33
N SER C 77 17.90 17.05 -11.31
CA SER C 77 17.74 15.58 -11.14
C SER C 77 16.34 15.32 -10.60
N THR C 78 15.37 16.09 -11.07
CA THR C 78 13.96 15.92 -10.63
C THR C 78 13.13 15.40 -11.80
N ALA C 79 12.22 14.46 -11.54
CA ALA C 79 11.34 13.89 -12.58
C ALA C 79 9.91 14.31 -12.28
N TYR C 80 9.07 14.43 -13.30
CA TYR C 80 7.72 14.95 -13.06
C TYR C 80 6.64 14.14 -13.79
N MET C 81 5.53 13.84 -13.12
CA MET C 81 4.39 13.16 -13.78
C MET C 81 3.20 14.11 -13.73
N GLU C 82 2.66 14.49 -14.88
CA GLU C 82 1.50 15.40 -14.91
C GLU C 82 0.27 14.72 -15.52
N LEU C 83 -0.72 14.39 -14.70
CA LEU C 83 -1.98 13.78 -15.17
C LEU C 83 -3.01 14.89 -15.33
N SER C 84 -3.72 14.91 -16.45
CA SER C 84 -4.75 15.94 -16.71
C SER C 84 -6.12 15.29 -16.72
N SER C 85 -7.18 16.11 -16.83
CA SER C 85 -8.58 15.59 -16.91
C SER C 85 -8.79 14.65 -15.73
N LEU C 86 -8.31 15.08 -14.56
CA LEU C 86 -8.40 14.25 -13.33
C LEU C 86 -9.84 13.83 -13.07
N ARG C 87 -10.05 12.54 -12.86
CA ARG C 87 -11.40 12.02 -12.52
C ARG C 87 -11.36 11.56 -11.07
N SER C 88 -12.52 11.28 -10.49
CA SER C 88 -12.59 10.76 -9.12
C SER C 88 -11.74 9.50 -9.02
N GLU C 89 -11.81 8.64 -10.03
CA GLU C 89 -11.10 7.35 -9.95
C GLU C 89 -9.58 7.55 -10.01
N ASP C 90 -9.14 8.78 -10.25
CA ASP C 90 -7.69 9.06 -10.28
C ASP C 90 -7.25 9.30 -8.83
N THR C 91 -8.17 9.25 -7.87
CA THR C 91 -7.83 9.36 -6.44
C THR C 91 -6.98 8.14 -6.07
N ALA C 92 -5.67 8.32 -5.89
CA ALA C 92 -4.78 7.17 -5.58
C ALA C 92 -3.40 7.65 -5.16
N VAL C 93 -2.58 6.77 -4.56
CA VAL C 93 -1.19 7.17 -4.22
C VAL C 93 -0.33 7.01 -5.47
N TYR C 94 0.51 7.99 -5.77
CA TYR C 94 1.34 7.95 -6.98
C TYR C 94 2.79 7.74 -6.55
N TYR C 95 3.47 6.77 -7.16
CA TYR C 95 4.86 6.43 -6.76
C TYR C 95 5.81 6.66 -7.92
N CYS C 96 7.04 7.05 -7.61
CA CYS C 96 8.07 7.22 -8.66
C CYS C 96 9.17 6.21 -8.37
N ALA C 97 9.63 5.49 -9.39
CA ALA C 97 10.59 4.41 -9.13
C ALA C 97 11.71 4.35 -10.15
N ARG C 98 12.94 4.19 -9.68
CA ARG C 98 14.10 4.11 -10.59
C ARG C 98 14.08 2.75 -11.26
N ILE C 99 14.32 2.73 -12.57
CA ILE C 99 14.39 1.42 -13.27
C ILE C 99 15.82 1.31 -13.76
N PRO C 100 16.62 0.32 -13.33
CA PRO C 100 17.96 0.16 -13.86
C PRO C 100 17.87 -0.01 -15.39
N LEU C 101 18.97 0.24 -16.10
CA LEU C 101 18.98 0.11 -17.57
C LEU C 101 20.03 -0.96 -17.92
N ARG C 102 19.67 -1.94 -18.74
CA ARG C 102 20.62 -3.00 -19.13
C ARG C 102 21.15 -2.69 -20.52
N TRP C 103 22.46 -2.90 -20.74
CA TRP C 103 23.07 -2.51 -22.04
C TRP C 103 23.15 -3.72 -22.97
N TYR C 104 22.23 -3.81 -23.92
CA TYR C 104 22.29 -4.88 -24.94
C TYR C 104 23.10 -4.37 -26.12
N GLU C 105 23.30 -5.20 -27.15
CA GLU C 105 24.13 -4.80 -28.32
C GLU C 105 23.43 -3.67 -29.06
N SER C 106 22.11 -3.75 -29.22
CA SER C 106 21.33 -2.74 -29.98
C SER C 106 21.44 -1.36 -29.34
N GLY C 107 21.27 -1.29 -28.02
CA GLY C 107 21.26 -0.01 -27.31
C GLY C 107 20.96 -0.21 -25.84
N PRO C 108 21.04 0.82 -24.97
CA PRO C 108 20.68 0.68 -23.57
C PRO C 108 19.18 0.44 -23.47
N TYR C 109 18.79 -0.67 -22.86
CA TYR C 109 17.35 -1.02 -22.73
C TYR C 109 16.99 -1.01 -21.23
N GLU C 110 15.70 -0.88 -20.90
CA GLU C 110 15.26 -0.82 -19.50
C GLU C 110 15.14 -2.22 -18.92
N SER C 111 15.47 -2.40 -17.64
CA SER C 111 15.26 -3.70 -16.97
C SER C 111 14.07 -3.43 -16.08
N GLY C 112 12.93 -4.12 -16.27
CA GLY C 112 11.67 -3.81 -15.56
C GLY C 112 11.73 -4.10 -14.07
N VAL C 113 12.82 -3.80 -13.38
CA VAL C 113 13.02 -4.03 -11.94
C VAL C 113 12.96 -2.64 -11.31
N PHE C 114 12.18 -2.38 -10.25
CA PHE C 114 12.26 -1.03 -9.68
C PHE C 114 13.18 -1.15 -8.47
N ASP C 115 14.44 -0.76 -8.62
CA ASP C 115 15.43 -0.94 -7.52
C ASP C 115 15.09 0.03 -6.39
N TYR C 116 14.63 1.23 -6.74
CA TYR C 116 14.32 2.26 -5.71
C TYR C 116 12.92 2.81 -5.92
N TRP C 117 12.18 2.99 -4.83
CA TRP C 117 10.79 3.51 -4.89
C TRP C 117 10.67 4.79 -4.04
N GLY C 118 9.84 5.75 -4.40
CA GLY C 118 9.83 6.96 -3.57
C GLY C 118 8.71 6.99 -2.54
N GLN C 119 8.83 7.85 -1.54
CA GLN C 119 7.73 8.05 -0.58
C GLN C 119 6.52 8.44 -1.41
N GLY C 120 5.43 7.73 -1.30
CA GLY C 120 4.30 8.03 -2.21
C GLY C 120 3.73 9.42 -2.10
N THR C 121 3.11 9.90 -3.18
CA THR C 121 2.38 11.19 -3.15
C THR C 121 0.92 10.84 -3.37
N LEU C 122 0.04 11.30 -2.48
CA LEU C 122 -1.40 11.00 -2.61
C LEU C 122 -2.11 12.16 -3.30
N VAL C 123 -2.83 11.86 -4.38
CA VAL C 123 -3.65 12.90 -5.04
C VAL C 123 -5.10 12.50 -4.81
N THR C 124 -5.86 13.37 -4.13
CA THR C 124 -7.27 13.07 -3.79
C THR C 124 -8.16 13.93 -4.68
N VAL C 125 -8.84 13.31 -5.64
CA VAL C 125 -9.68 14.09 -6.60
C VAL C 125 -11.14 13.98 -6.19
N SER C 126 -11.71 15.07 -5.67
CA SER C 126 -13.14 15.08 -5.27
C SER C 126 -13.73 16.48 -5.52
N SER C 127 -15.05 16.54 -5.71
CA SER C 127 -15.74 17.81 -5.97
C SER C 127 -16.19 18.41 -4.63
N ALA C 128 -15.54 17.98 -3.55
CA ALA C 128 -15.92 18.48 -2.22
C ALA C 128 -14.91 19.54 -1.76
N SER C 129 -15.25 20.28 -0.71
CA SER C 129 -14.35 21.37 -0.27
C SER C 129 -13.91 21.02 1.15
N THR C 130 -12.88 21.67 1.67
CA THR C 130 -12.37 21.30 3.01
C THR C 130 -13.46 21.51 4.06
N LYS C 131 -13.84 20.44 4.77
CA LYS C 131 -14.85 20.55 5.86
C LYS C 131 -14.30 19.94 7.14
N GLY C 132 -14.48 20.59 8.29
CA GLY C 132 -14.02 20.04 9.57
C GLY C 132 -14.93 18.95 10.11
N PRO C 133 -14.44 17.95 10.89
CA PRO C 133 -15.30 16.86 11.31
C PRO C 133 -16.17 17.20 12.52
N SER C 134 -17.24 16.44 12.77
CA SER C 134 -18.17 16.66 13.90
C SER C 134 -17.99 15.55 14.94
N VAL C 135 -17.08 15.73 15.90
CA VAL C 135 -16.80 14.71 16.95
C VAL C 135 -18.10 14.42 17.69
N PHE C 136 -18.57 13.17 17.67
CA PHE C 136 -19.79 12.79 18.43
C PHE C 136 -19.42 11.65 19.37
N PRO C 137 -19.86 11.62 20.66
CA PRO C 137 -19.36 10.60 21.57
C PRO C 137 -20.02 9.22 21.56
N LEU C 138 -19.27 8.14 21.81
CA LEU C 138 -19.89 6.80 21.91
C LEU C 138 -20.15 6.44 23.37
N ALA C 139 -21.42 6.32 23.77
CA ALA C 139 -21.78 6.04 25.19
C ALA C 139 -21.66 4.53 25.49
N PRO C 140 -21.57 4.10 26.76
CA PRO C 140 -21.35 2.68 27.10
C PRO C 140 -22.55 1.77 26.82
N SER C 141 -22.47 0.50 27.25
CA SER C 141 -23.55 -0.47 26.96
C SER C 141 -24.64 -0.38 28.04
N SER C 142 -25.22 0.81 28.23
CA SER C 142 -26.27 1.01 29.26
C SER C 142 -25.77 0.50 30.61
N LYS C 143 -24.68 1.09 31.12
CA LYS C 143 -24.10 0.66 32.42
C LYS C 143 -24.31 -0.85 32.61
N SER C 144 -23.80 -1.67 31.68
CA SER C 144 -23.92 -3.14 31.79
C SER C 144 -23.07 -3.67 32.96
N THR C 145 -23.27 -4.92 33.33
CA THR C 145 -22.44 -5.53 34.39
C THR C 145 -21.05 -5.80 33.80
N SER C 146 -20.98 -6.64 32.76
CA SER C 146 -19.68 -7.02 32.15
C SER C 146 -19.84 -7.07 30.63
N GLY C 147 -21.08 -7.16 30.13
CA GLY C 147 -21.31 -7.12 28.67
C GLY C 147 -20.88 -5.77 28.14
N GLY C 148 -20.44 -4.88 29.03
CA GLY C 148 -19.95 -3.55 28.62
C GLY C 148 -18.44 -3.44 28.80
N THR C 149 -17.87 -4.10 29.81
CA THR C 149 -16.41 -3.92 30.07
C THR C 149 -16.33 -2.39 30.00
N ALA C 150 -15.36 -1.84 29.28
CA ALA C 150 -15.39 -0.38 29.08
C ALA C 150 -15.18 -0.09 27.59
N ALA C 151 -16.23 -0.24 26.79
CA ALA C 151 -16.13 0.09 25.36
C ALA C 151 -16.69 1.48 25.14
N LEU C 152 -15.82 2.48 25.02
CA LEU C 152 -16.28 3.86 24.73
C LEU C 152 -15.58 4.36 23.47
N GLY C 153 -16.08 5.45 22.87
CA GLY C 153 -15.39 6.01 21.71
C GLY C 153 -15.91 7.36 21.28
N CYS C 154 -15.34 7.91 20.21
CA CYS C 154 -15.80 9.20 19.65
C CYS C 154 -16.07 8.96 18.15
N LEU C 155 -17.09 9.60 17.59
CA LEU C 155 -17.37 9.45 16.14
C LEU C 155 -16.87 10.68 15.40
N VAL C 156 -15.90 10.50 14.50
CA VAL C 156 -15.39 11.63 13.68
C VAL C 156 -16.14 11.54 12.36
N LYS C 157 -17.07 12.46 12.11
CA LYS C 157 -17.91 12.31 10.90
C LYS C 157 -17.93 13.57 10.04
N ASP C 158 -18.23 13.41 8.75
CA ASP C 158 -18.40 14.59 7.85
C ASP C 158 -17.12 15.43 7.83
N TYR C 159 -15.98 14.80 7.62
CA TYR C 159 -14.71 15.55 7.45
C TYR C 159 -14.00 15.33 6.11
N PHE C 160 -13.93 16.33 5.23
CA PHE C 160 -13.34 16.06 3.89
C PHE C 160 -11.90 15.78 3.48
N PRO C 161 -10.85 16.38 4.09
CA PRO C 161 -9.49 16.14 3.61
C PRO C 161 -9.20 14.91 4.47
N GLU C 162 -8.79 13.81 3.85
CA GLU C 162 -8.65 12.52 4.58
C GLU C 162 -7.81 12.59 5.87
N PRO C 163 -6.55 13.08 5.90
CA PRO C 163 -5.75 12.96 7.11
C PRO C 163 -6.63 13.39 8.30
N VAL C 164 -6.78 12.53 9.32
CA VAL C 164 -7.52 12.91 10.56
C VAL C 164 -6.89 12.04 11.64
N THR C 165 -6.45 12.64 12.75
CA THR C 165 -5.74 11.85 13.79
C THR C 165 -6.48 11.93 15.13
N VAL C 166 -6.92 10.79 15.65
CA VAL C 166 -7.64 10.71 16.95
C VAL C 166 -6.75 10.00 17.96
N SER C 167 -6.60 10.54 19.18
CA SER C 167 -5.78 9.91 20.24
C SER C 167 -6.53 10.07 21.56
N TRP C 168 -6.22 9.23 22.56
CA TRP C 168 -6.99 9.30 23.82
C TRP C 168 -6.08 9.72 24.98
N ASN C 169 -6.57 10.66 25.80
CA ASN C 169 -5.79 11.14 26.96
C ASN C 169 -4.40 11.53 26.46
N SER C 170 -4.35 12.27 25.35
CA SER C 170 -3.05 12.78 24.82
C SER C 170 -1.95 11.71 24.90
N GLY C 171 -2.29 10.44 24.68
CA GLY C 171 -1.26 9.39 24.62
C GLY C 171 -1.19 8.54 25.87
N ALA C 172 -1.85 8.96 26.95
CA ALA C 172 -1.88 8.12 28.15
C ALA C 172 -2.55 6.79 27.79
N LEU C 173 -3.70 6.88 27.10
CA LEU C 173 -4.48 5.65 26.76
C LEU C 173 -3.97 5.11 25.42
N THR C 174 -3.11 4.10 25.47
CA THR C 174 -2.60 3.48 24.23
C THR C 174 -3.19 2.08 24.11
N SER C 175 -3.20 1.32 25.20
CA SER C 175 -3.69 -0.08 25.13
C SER C 175 -5.21 -0.09 25.08
N GLY C 176 -5.79 -0.82 24.12
CA GLY C 176 -7.27 -0.93 24.03
C GLY C 176 -7.84 0.05 23.05
N VAL C 177 -6.98 0.87 22.44
CA VAL C 177 -7.47 1.92 21.51
C VAL C 177 -7.55 1.33 20.11
N HIS C 178 -8.71 1.47 19.45
CA HIS C 178 -8.86 0.99 18.06
C HIS C 178 -9.41 2.14 17.21
N THR C 179 -8.53 3.00 16.72
CA THR C 179 -8.98 4.08 15.78
C THR C 179 -9.21 3.40 14.44
N PHE C 180 -10.40 3.45 13.87
CA PHE C 180 -10.74 2.65 12.68
C PHE C 180 -10.28 3.33 11.39
N PRO C 181 -10.29 2.62 10.25
CA PRO C 181 -9.96 3.22 8.99
C PRO C 181 -11.11 4.13 8.57
N ALA C 182 -10.88 5.15 7.77
CA ALA C 182 -11.91 6.12 7.36
C ALA C 182 -12.76 5.53 6.23
N VAL C 183 -14.04 5.90 6.17
CA VAL C 183 -14.97 5.38 5.13
C VAL C 183 -15.58 6.57 4.41
N LEU C 184 -15.60 6.56 3.08
CA LEU C 184 -16.15 7.69 2.29
C LEU C 184 -17.65 7.47 2.14
N GLN C 185 -18.43 8.53 2.33
CA GLN C 185 -19.89 8.43 2.22
C GLN C 185 -20.34 9.15 0.94
N SER C 186 -21.57 8.92 0.51
CA SER C 186 -22.09 9.55 -0.74
C SER C 186 -21.88 11.05 -0.66
N SER C 187 -22.03 11.62 0.54
CA SER C 187 -21.84 13.07 0.74
C SER C 187 -20.51 13.51 0.13
N GLY C 188 -19.55 12.58 0.06
CA GLY C 188 -18.20 12.95 -0.41
C GLY C 188 -17.33 13.31 0.77
N LEU C 189 -17.84 13.09 1.98
CA LEU C 189 -17.07 13.40 3.21
C LEU C 189 -16.72 12.08 3.90
N TYR C 190 -15.74 12.10 4.80
CA TYR C 190 -15.29 10.83 5.41
C TYR C 190 -15.78 10.70 6.84
N SER C 191 -15.86 9.47 7.34
CA SER C 191 -16.23 9.25 8.76
C SER C 191 -15.23 8.27 9.37
N LEU C 192 -14.85 8.40 10.63
CA LEU C 192 -13.87 7.51 11.30
C LEU C 192 -14.41 7.27 12.69
N SER C 193 -14.03 6.20 13.38
CA SER C 193 -14.43 6.02 14.79
C SER C 193 -13.25 5.47 15.58
N SER C 194 -13.02 5.98 16.79
CA SER C 194 -11.96 5.41 17.65
C SER C 194 -12.65 4.89 18.91
N VAL C 195 -12.49 3.62 19.25
CA VAL C 195 -13.22 3.00 20.40
C VAL C 195 -12.20 2.35 21.34
N VAL C 196 -12.25 2.66 22.64
CA VAL C 196 -11.26 2.14 23.63
C VAL C 196 -11.91 1.15 24.59
N THR C 197 -11.28 -0.02 24.77
CA THR C 197 -11.79 -1.05 25.71
C THR C 197 -11.00 -0.96 27.02
N VAL C 198 -11.42 -0.09 27.94
CA VAL C 198 -10.74 0.11 29.24
C VAL C 198 -11.46 -0.74 30.30
N PRO C 199 -11.08 -0.73 31.59
CA PRO C 199 -11.84 -1.47 32.62
C PRO C 199 -13.22 -0.90 32.97
N SER C 200 -14.23 -1.78 33.07
CA SER C 200 -15.60 -1.36 33.45
C SER C 200 -15.58 -0.53 34.74
N SER C 201 -15.21 -1.16 35.87
CA SER C 201 -15.16 -0.50 37.19
C SER C 201 -14.36 0.81 37.09
N SER C 202 -13.41 0.90 36.17
CA SER C 202 -12.52 2.08 35.95
C SER C 202 -13.29 3.00 34.99
N LEU C 203 -14.23 3.82 35.48
CA LEU C 203 -14.94 4.76 34.64
C LEU C 203 -14.87 6.22 35.13
N GLY C 204 -15.32 6.52 36.34
CA GLY C 204 -15.20 7.90 36.93
C GLY C 204 -13.82 8.08 37.43
N THR C 205 -13.14 7.00 37.82
CA THR C 205 -11.74 7.10 38.28
C THR C 205 -10.93 7.92 37.27
N GLN C 206 -11.04 7.58 35.98
CA GLN C 206 -10.24 8.29 34.94
C GLN C 206 -11.17 8.91 33.90
N THR C 207 -11.10 10.22 33.68
CA THR C 207 -11.89 10.91 32.63
C THR C 207 -11.33 10.52 31.26
N TYR C 208 -12.14 9.94 30.37
CA TYR C 208 -11.68 9.47 29.05
C TYR C 208 -12.11 10.47 27.97
N ILE C 209 -11.16 11.26 27.45
CA ILE C 209 -11.42 12.30 26.41
C ILE C 209 -10.63 11.91 25.15
N CYS C 210 -11.16 12.16 23.95
CA CYS C 210 -10.46 11.84 22.68
C CYS C 210 -9.90 13.14 22.12
N ASN C 211 -8.93 13.04 21.21
CA ASN C 211 -8.26 14.25 20.68
C ASN C 211 -8.24 14.21 19.17
N VAL C 212 -9.08 15.01 18.51
CA VAL C 212 -9.17 14.99 17.03
C VAL C 212 -8.26 16.08 16.47
N ASN C 213 -7.59 15.84 15.35
CA ASN C 213 -6.71 16.85 14.71
C ASN C 213 -6.87 16.78 13.19
N HIS C 214 -7.81 17.53 12.62
CA HIS C 214 -7.99 17.62 11.15
C HIS C 214 -7.23 18.87 10.72
N LYS C 215 -5.92 18.75 10.55
CA LYS C 215 -5.05 19.90 10.20
C LYS C 215 -5.51 20.60 8.91
N PRO C 216 -6.11 19.91 7.93
CA PRO C 216 -6.60 20.61 6.76
C PRO C 216 -7.45 21.82 7.15
N SER C 217 -8.38 21.66 8.10
CA SER C 217 -9.27 22.76 8.57
C SER C 217 -8.86 23.18 9.97
N ASN C 218 -7.68 22.77 10.43
CA ASN C 218 -7.11 23.21 11.73
C ASN C 218 -8.18 23.07 12.80
N THR C 219 -8.95 21.98 12.80
CA THR C 219 -10.01 21.74 13.81
C THR C 219 -9.50 20.70 14.82
N LYS C 220 -8.98 21.15 15.96
CA LYS C 220 -8.54 20.24 17.04
C LYS C 220 -9.62 20.20 18.12
N VAL C 221 -10.37 19.10 18.26
CA VAL C 221 -11.50 19.07 19.22
C VAL C 221 -11.31 17.94 20.24
N ASP C 222 -11.46 18.23 21.53
CA ASP C 222 -11.38 17.21 22.59
C ASP C 222 -12.74 17.12 23.27
N LYS C 223 -13.46 16.00 23.12
CA LYS C 223 -14.83 15.81 23.70
C LYS C 223 -14.79 14.73 24.78
N LYS C 224 -15.35 15.02 25.95
CA LYS C 224 -15.38 14.06 27.08
C LYS C 224 -16.31 12.91 26.75
N VAL C 225 -15.97 11.70 27.21
CA VAL C 225 -16.86 10.53 26.99
C VAL C 225 -17.27 10.03 28.38
N GLU C 226 -18.55 10.17 28.74
CA GLU C 226 -18.99 9.76 30.10
C GLU C 226 -20.24 8.89 29.95
N PRO C 227 -20.53 7.96 30.89
CA PRO C 227 -21.68 7.07 30.74
C PRO C 227 -22.95 7.92 30.63
N LYS C 228 -23.96 7.40 29.94
CA LYS C 228 -25.20 8.19 29.73
C LYS C 228 -24.82 9.67 29.62
#